data_4ZBK
#
_entry.id   4ZBK
#
_cell.length_a   105.702
_cell.length_b   123.551
_cell.length_c   104.189
_cell.angle_alpha   90.000
_cell.angle_beta   90.000
_cell.angle_gamma   90.000
#
_symmetry.space_group_name_H-M   'C 2 2 21'
#
loop_
_entity.id
_entity.type
_entity.pdbx_description
1 polymer 'Gamma-glutamyltranspeptidase 1'
2 polymer 'Gamma-glutamyltranspeptidase 1'
3 non-polymer 2-acetamido-2-deoxy-beta-D-glucopyranose
4 non-polymer '2-(N-MORPHOLINO)-ETHANESULFONIC ACID'
5 non-polymer 'CHLORIDE ION'
6 non-polymer 'SODIUM ION'
7 non-polymer '(2S)-2-amino-4-[(S)-hydroxy(methoxy)phosphoryl]butanoic acid'
8 water water
#
loop_
_entity_poly.entity_id
_entity_poly.type
_entity_poly.pdbx_seq_one_letter_code
_entity_poly.pdbx_strand_id
1 'polypeptide(L)'
;SASKEPDNHVYTRAAVAADAKQCSKIGRDALRDGGSAVDAAIAALLCVGLMNAHSMGIGGGLFLTIYNSTTRKAEVINAR
EVAPRLAFATMFNSSEQSQKGGLSVAVPGEIRGYELAHQRHGRLPWARLFQPSIQLARQGFPVGKGLAAALENKRTVIEQ
QPVLCEVFCRDRKVLREGERLTLPQLADTYETLAIEGAQAFYNGSLTAQIVKDIQAAGGIVTAEDLNNYRAELIEHPLNI
SLGDAVLYMPSAPLSGPVLALILNILKGYNFSRESVESPEQKGLTYHRIVEAFRFAYAKRTLLGDPKFVDVTEVVRNMTS
EFFAAQLRAQISDDTTHPISYYKPEFYTPDDGG
;
A
2 'polypeptide(L)'
;TAHLSVVAEDGSAVSATSTINLYFGSKVRSPVSGILFNNEMDDFSSPSITNEFGVPPSPANFIQPGKQPLSSMCPTIMVG
QDGQVRMVVGAAGGTQITTATALAIIYNLWFGYDVKRAVEEPRLHNQLLPNVTTVERNIDQAVTAALETRHHHTQIASTF
IAVVQAIVRTAGGWAAASDSRKGGEPAGY
;
B
#
loop_
_chem_comp.id
_chem_comp.type
_chem_comp.name
_chem_comp.formula
CL non-polymer 'CHLORIDE ION' 'Cl -1'
MES non-polymer '2-(N-MORPHOLINO)-ETHANESULFONIC ACID' 'C6 H13 N O4 S'
NA non-polymer 'SODIUM ION' 'Na 1'
NAG D-saccharide, beta linking 2-acetamido-2-deoxy-beta-D-glucopyranose 'C8 H15 N O6'
#
# COMPACT_ATOMS: atom_id res chain seq x y z
N ASP A 7 1.69 -27.22 0.63
CA ASP A 7 2.32 -26.45 1.70
C ASP A 7 1.33 -25.75 2.54
N ASN A 8 1.70 -25.63 3.80
CA ASN A 8 0.98 -24.80 4.69
C ASN A 8 1.67 -23.43 4.81
N HIS A 9 2.91 -23.31 4.36
CA HIS A 9 3.61 -22.04 4.48
C HIS A 9 3.95 -21.64 5.92
N VAL A 10 4.31 -22.59 6.76
CA VAL A 10 4.94 -22.28 8.02
C VAL A 10 6.39 -22.66 7.85
N TYR A 11 7.28 -21.73 8.12
CA TYR A 11 8.68 -21.89 7.77
C TYR A 11 9.50 -21.69 9.01
N THR A 12 10.52 -22.53 9.17
CA THR A 12 11.33 -22.54 10.38
C THR A 12 12.23 -21.33 10.47
N ARG A 13 12.72 -20.85 9.33
CA ARG A 13 13.81 -19.89 9.37
C ARG A 13 13.49 -18.52 8.77
N ALA A 14 12.77 -18.49 7.65
CA ALA A 14 12.52 -17.23 6.92
C ALA A 14 11.30 -17.31 6.03
N ALA A 15 10.67 -16.17 5.78
CA ALA A 15 9.47 -16.14 4.96
C ALA A 15 9.35 -14.83 4.17
N VAL A 16 8.84 -14.94 2.95
CA VAL A 16 8.51 -13.79 2.13
C VAL A 16 7.07 -14.00 1.69
N ALA A 17 6.19 -13.03 1.98
CA ALA A 17 4.81 -13.05 1.47
C ALA A 17 4.57 -11.91 0.47
N ALA A 18 4.53 -12.27 -0.82
CA ALA A 18 4.24 -11.30 -1.93
C ALA A 18 3.00 -11.74 -2.71
N ASP A 19 2.54 -10.87 -3.61
CA ASP A 19 1.25 -11.07 -4.27
C ASP A 19 1.39 -11.75 -5.62
N ALA A 20 2.60 -12.26 -5.87
CA ALA A 20 2.90 -13.19 -6.97
C ALA A 20 3.88 -14.25 -6.45
N LYS A 21 3.58 -15.53 -6.68
CA LYS A 21 4.43 -16.66 -6.22
C LYS A 21 5.90 -16.56 -6.63
N GLN A 22 6.11 -16.28 -7.91
CA GLN A 22 7.45 -16.20 -8.46
C GLN A 22 8.27 -15.13 -7.74
N CYS A 23 7.62 -14.04 -7.35
CA CYS A 23 8.31 -12.96 -6.66
C CYS A 23 8.60 -13.30 -5.18
N SER A 24 7.70 -14.01 -4.53
CA SER A 24 7.99 -14.52 -3.20
C SER A 24 9.25 -15.43 -3.24
N LYS A 25 9.32 -16.29 -4.24
CA LYS A 25 10.46 -17.20 -4.43
C LYS A 25 11.77 -16.45 -4.69
N ILE A 26 11.71 -15.41 -5.50
CA ILE A 26 12.86 -14.54 -5.74
C ILE A 26 13.36 -13.86 -4.47
N GLY A 27 12.45 -13.36 -3.65
CA GLY A 27 12.83 -12.83 -2.33
C GLY A 27 13.46 -13.89 -1.43
N ARG A 28 12.83 -15.05 -1.40
CA ARG A 28 13.30 -16.20 -0.60
C ARG A 28 14.72 -16.62 -1.04
N ASP A 29 14.96 -16.69 -2.35
CA ASP A 29 16.28 -17.07 -2.86
C ASP A 29 17.35 -16.08 -2.44
N ALA A 30 17.01 -14.81 -2.32
CA ALA A 30 17.99 -13.80 -1.93
C ALA A 30 18.34 -13.99 -0.47
N LEU A 31 17.32 -14.35 0.33
CA LEU A 31 17.54 -14.63 1.73
C LEU A 31 18.50 -15.81 1.80
N ARG A 32 18.14 -16.89 1.10
CA ARG A 32 18.92 -18.11 1.13
C ARG A 32 20.39 -17.90 0.73
N ASP A 33 20.65 -16.92 -0.14
CA ASP A 33 22.00 -16.56 -0.60
C ASP A 33 22.71 -15.56 0.33
N GLY A 34 22.12 -15.26 1.49
CA GLY A 34 22.79 -14.40 2.46
C GLY A 34 22.29 -12.96 2.59
N GLY A 35 21.31 -12.58 1.77
CA GLY A 35 20.75 -11.23 1.83
C GLY A 35 19.97 -10.89 3.10
N SER A 36 19.97 -9.61 3.46
CA SER A 36 19.15 -9.12 4.56
C SER A 36 17.69 -9.13 4.15
N ALA A 37 16.82 -8.86 5.13
CA ALA A 37 15.40 -8.76 4.87
C ALA A 37 15.12 -7.73 3.75
N VAL A 38 15.94 -6.67 3.71
CA VAL A 38 15.86 -5.58 2.74
C VAL A 38 16.23 -6.01 1.31
N ASP A 39 17.32 -6.79 1.17
CA ASP A 39 17.71 -7.38 -0.11
C ASP A 39 16.58 -8.21 -0.71
N ALA A 40 15.98 -9.09 0.11
CA ALA A 40 14.87 -9.95 -0.32
C ALA A 40 13.68 -9.08 -0.77
N ALA A 41 13.39 -8.03 0.00
CA ALA A 41 12.24 -7.16 -0.29
C ALA A 41 12.50 -6.40 -1.60
N ILE A 42 13.70 -5.84 -1.75
CA ILE A 42 14.04 -5.14 -2.99
C ILE A 42 13.96 -6.08 -4.19
N ALA A 43 14.46 -7.30 -4.04
CA ALA A 43 14.49 -8.28 -5.13
C ALA A 43 13.07 -8.73 -5.49
N ALA A 44 12.25 -9.03 -4.48
CA ALA A 44 10.81 -9.32 -4.68
C ALA A 44 10.05 -8.15 -5.37
N LEU A 45 10.22 -6.92 -4.85
CA LEU A 45 9.62 -5.71 -5.42
C LEU A 45 9.96 -5.46 -6.91
N LEU A 46 11.19 -5.73 -7.32
CA LEU A 46 11.57 -5.55 -8.73
C LEU A 46 10.79 -6.56 -9.57
N CYS A 47 10.59 -7.75 -9.02
CA CYS A 47 9.79 -8.78 -9.67
C CYS A 47 8.29 -8.45 -9.71
N VAL A 48 7.74 -7.87 -8.65
CA VAL A 48 6.31 -7.52 -8.64
C VAL A 48 6.07 -6.42 -9.66
N GLY A 49 7.04 -5.53 -9.80
CA GLY A 49 6.98 -4.47 -10.79
C GLY A 49 6.82 -5.03 -12.18
N LEU A 50 7.20 -6.29 -12.37
CA LEU A 50 7.05 -6.96 -13.67
C LEU A 50 5.76 -7.76 -13.76
N MET A 51 5.56 -8.64 -12.80
CA MET A 51 4.43 -9.53 -12.82
C MET A 51 3.10 -8.86 -12.49
N ASN A 52 3.15 -7.79 -11.68
CA ASN A 52 1.95 -6.95 -11.42
C ASN A 52 2.22 -5.53 -11.87
N ALA A 53 2.67 -5.40 -13.11
CA ALA A 53 3.05 -4.12 -13.71
C ALA A 53 1.97 -3.06 -13.60
N HIS A 54 0.74 -3.52 -13.37
CA HIS A 54 -0.37 -2.59 -13.30
C HIS A 54 -0.41 -1.93 -11.93
N SER A 55 0.17 -2.58 -10.89
CA SER A 55 0.11 -2.14 -9.49
C SER A 55 1.20 -1.21 -8.98
N MET A 56 2.42 -1.46 -9.42
CA MET A 56 3.59 -0.81 -8.82
C MET A 56 4.75 -0.98 -9.76
N GLY A 57 5.82 -0.22 -9.51
CA GLY A 57 7.09 -0.47 -10.19
C GLY A 57 7.99 0.74 -10.10
N ILE A 58 9.03 0.75 -10.93
CA ILE A 58 10.06 1.83 -10.89
C ILE A 58 9.50 3.19 -11.36
N GLY A 59 8.30 3.20 -11.94
CA GLY A 59 7.64 4.47 -12.31
C GLY A 59 6.82 5.08 -11.20
N GLY A 60 6.84 4.45 -10.02
CA GLY A 60 6.04 4.89 -8.87
C GLY A 60 6.83 5.21 -7.59
N GLY A 61 6.23 4.93 -6.43
CA GLY A 61 6.89 5.21 -5.15
C GLY A 61 6.48 4.24 -4.06
N LEU A 62 7.24 4.19 -2.97
CA LEU A 62 6.93 3.24 -1.90
C LEU A 62 7.34 3.74 -0.52
N PHE A 63 6.83 3.07 0.51
CA PHE A 63 7.35 3.21 1.86
C PHE A 63 7.83 1.86 2.35
N LEU A 64 8.92 1.84 3.11
CA LEU A 64 9.36 0.62 3.80
C LEU A 64 9.37 0.88 5.28
N THR A 65 8.77 -0.04 6.02
CA THR A 65 8.93 -0.10 7.45
C THR A 65 9.91 -1.24 7.70
N ILE A 66 11.03 -0.92 8.32
CA ILE A 66 12.13 -1.88 8.51
C ILE A 66 12.43 -2.01 10.00
N TYR A 67 12.46 -3.25 10.49
CA TYR A 67 12.83 -3.55 11.88
C TYR A 67 14.13 -4.34 11.98
N ASN A 68 15.05 -3.83 12.78
CA ASN A 68 16.28 -4.54 13.08
C ASN A 68 16.22 -5.28 14.41
N SER A 69 16.28 -6.62 14.36
CA SER A 69 16.11 -7.42 15.58
C SER A 69 17.33 -7.38 16.50
N THR A 70 18.44 -6.84 16.00
CA THR A 70 19.65 -6.70 16.80
C THR A 70 19.64 -5.43 17.63
N THR A 71 19.50 -4.28 16.99
CA THR A 71 19.42 -3.01 17.72
C THR A 71 18.01 -2.77 18.27
N ARG A 72 17.09 -3.68 17.93
CA ARG A 72 15.63 -3.56 18.15
C ARG A 72 15.04 -2.20 17.77
N LYS A 73 15.52 -1.62 16.68
CA LYS A 73 15.03 -0.33 16.21
C LYS A 73 14.25 -0.52 14.93
N ALA A 74 13.17 0.26 14.82
CA ALA A 74 12.36 0.28 13.61
C ALA A 74 12.59 1.61 12.94
N GLU A 75 12.63 1.57 11.62
CA GLU A 75 12.71 2.80 10.87
C GLU A 75 11.73 2.72 9.70
N VAL A 76 11.51 3.87 9.08
CA VAL A 76 10.65 3.96 7.93
C VAL A 76 11.44 4.62 6.81
N ILE A 77 11.34 4.08 5.61
CA ILE A 77 11.88 4.79 4.47
C ILE A 77 10.77 5.38 3.61
N ASN A 78 10.75 6.71 3.52
CA ASN A 78 9.78 7.44 2.70
C ASN A 78 10.32 7.63 1.26
N ALA A 79 9.81 6.84 0.32
CA ALA A 79 10.18 7.07 -1.07
C ALA A 79 8.94 7.21 -1.94
N ARG A 80 7.95 7.96 -1.44
CA ARG A 80 6.74 8.25 -2.19
C ARG A 80 7.00 9.40 -3.19
N GLU A 81 6.29 9.40 -4.30
CA GLU A 81 6.46 10.41 -5.33
C GLU A 81 6.15 11.81 -4.79
N VAL A 82 6.68 12.83 -5.46
CA VAL A 82 6.44 14.22 -5.03
CA VAL A 82 6.46 14.20 -5.03
C VAL A 82 5.91 15.02 -6.22
N ALA A 83 5.08 16.02 -5.94
CA ALA A 83 4.61 16.91 -7.00
C ALA A 83 5.85 17.60 -7.61
N PRO A 84 5.92 17.70 -8.95
CA PRO A 84 7.02 18.39 -9.57
C PRO A 84 7.06 19.89 -9.22
N ARG A 85 8.21 20.53 -9.45
CA ARG A 85 8.48 21.93 -9.09
CA ARG A 85 8.35 21.90 -8.97
C ARG A 85 7.50 22.87 -9.77
N LEU A 86 7.03 22.46 -10.94
CA LEU A 86 6.12 23.29 -11.72
C LEU A 86 4.64 23.07 -11.40
N ALA A 87 4.35 22.14 -10.49
CA ALA A 87 2.96 21.86 -10.06
C ALA A 87 2.36 22.98 -9.21
N PHE A 88 1.03 23.09 -9.24
CA PHE A 88 0.32 24.12 -8.45
C PHE A 88 -1.10 23.65 -8.06
N ALA A 89 -1.68 24.24 -7.02
CA ALA A 89 -2.95 23.78 -6.46
C ALA A 89 -4.06 23.59 -7.49
N THR A 90 -4.14 24.48 -8.46
CA THR A 90 -5.26 24.46 -9.41
C THR A 90 -4.90 23.95 -10.79
N MET A 91 -3.91 23.06 -10.88
CA MET A 91 -3.49 22.53 -12.20
C MET A 91 -4.53 21.65 -12.90
N PHE A 92 -5.43 21.03 -12.14
CA PHE A 92 -6.43 20.11 -12.72
C PHE A 92 -7.86 20.67 -12.61
N ASN A 93 -8.71 20.38 -13.59
CA ASN A 93 -10.12 20.77 -13.48
C ASN A 93 -11.12 19.63 -13.65
N SER A 94 -10.61 18.43 -13.84
CA SER A 94 -11.45 17.24 -13.97
C SER A 94 -10.66 16.02 -13.54
N SER A 95 -11.35 14.97 -13.10
CA SER A 95 -10.73 13.73 -12.66
C SER A 95 -9.87 13.19 -13.74
N GLU A 96 -10.38 13.31 -14.97
CA GLU A 96 -9.66 12.87 -16.16
C GLU A 96 -8.27 13.53 -16.31
N GLN A 97 -8.15 14.81 -15.96
CA GLN A 97 -6.85 15.48 -16.11
C GLN A 97 -5.89 15.00 -15.04
N SER A 98 -6.40 14.72 -13.85
CA SER A 98 -5.52 14.27 -12.78
C SER A 98 -5.23 12.77 -12.80
N GLN A 99 -5.87 12.01 -13.68
CA GLN A 99 -5.74 10.53 -13.68
C GLN A 99 -5.05 9.94 -14.88
N LYS A 100 -5.00 10.71 -15.97
CA LYS A 100 -4.54 10.21 -17.26
C LYS A 100 -3.59 11.20 -17.92
N GLY A 101 -2.47 10.70 -18.47
CA GLY A 101 -1.50 11.52 -19.21
C GLY A 101 -0.33 12.00 -18.35
N GLY A 102 0.59 12.76 -18.95
CA GLY A 102 1.83 13.14 -18.28
C GLY A 102 1.63 14.09 -17.09
N LEU A 103 0.62 14.96 -17.20
CA LEU A 103 0.37 15.90 -16.12
C LEU A 103 -0.01 15.15 -14.82
N SER A 104 -0.57 13.93 -14.96
CA SER A 104 -0.94 13.15 -13.75
C SER A 104 0.27 12.50 -13.07
N VAL A 105 1.43 12.59 -13.70
CA VAL A 105 2.62 11.90 -13.19
C VAL A 105 3.34 12.70 -12.08
N ALA A 106 3.55 12.08 -10.92
CA ALA A 106 4.41 12.68 -9.91
C ALA A 106 5.81 12.13 -10.04
N VAL A 107 6.79 12.80 -9.42
CA VAL A 107 8.21 12.40 -9.52
C VAL A 107 8.41 11.05 -8.84
N PRO A 108 8.80 10.02 -9.60
CA PRO A 108 8.96 8.65 -9.04
C PRO A 108 10.03 8.57 -7.95
N GLY A 109 9.77 7.88 -6.85
CA GLY A 109 10.77 7.76 -5.80
C GLY A 109 11.34 6.36 -5.59
N GLU A 110 10.75 5.39 -6.26
CA GLU A 110 11.00 3.97 -6.00
C GLU A 110 12.49 3.62 -5.97
N ILE A 111 13.18 3.95 -7.06
CA ILE A 111 14.60 3.60 -7.18
C ILE A 111 15.47 4.28 -6.09
N ARG A 112 15.25 5.57 -5.78
CA ARG A 112 15.96 6.23 -4.65
CA ARG A 112 16.00 6.18 -4.66
C ARG A 112 15.65 5.53 -3.32
N GLY A 113 14.42 5.02 -3.20
CA GLY A 113 13.98 4.28 -2.04
C GLY A 113 14.67 2.93 -1.90
N TYR A 114 14.80 2.17 -2.98
CA TYR A 114 15.59 0.91 -2.93
C TYR A 114 17.05 1.23 -2.53
N GLU A 115 17.62 2.23 -3.19
CA GLU A 115 18.99 2.62 -2.93
C GLU A 115 19.22 3.00 -1.47
N LEU A 116 18.34 3.83 -0.90
CA LEU A 116 18.54 4.20 0.49
C LEU A 116 18.42 3.00 1.43
N ALA A 117 17.44 2.14 1.19
CA ALA A 117 17.24 0.97 2.06
C ALA A 117 18.44 0.04 1.97
N HIS A 118 18.95 -0.08 0.76
CA HIS A 118 20.06 -0.99 0.50
C HIS A 118 21.37 -0.43 1.11
N GLN A 119 21.61 0.89 1.00
CA GLN A 119 22.80 1.50 1.60
C GLN A 119 22.82 1.24 3.06
N ARG A 120 21.64 1.17 3.67
CA ARG A 120 21.55 1.08 5.11
C ARG A 120 21.50 -0.34 5.60
N HIS A 121 21.07 -1.26 4.74
CA HIS A 121 20.70 -2.59 5.21
C HIS A 121 21.11 -3.72 4.30
N GLY A 122 21.63 -3.39 3.12
CA GLY A 122 21.93 -4.42 2.12
C GLY A 122 23.11 -5.30 2.47
N ARG A 123 23.07 -6.55 2.00
CA ARG A 123 24.20 -7.48 2.13
C ARG A 123 24.60 -8.08 0.78
N LEU A 124 23.66 -8.25 -0.13
CA LEU A 124 23.97 -8.72 -1.46
C LEU A 124 24.33 -7.51 -2.30
N PRO A 125 25.12 -7.71 -3.37
CA PRO A 125 25.41 -6.59 -4.24
C PRO A 125 24.14 -6.08 -4.96
N TRP A 126 24.06 -4.77 -5.20
CA TRP A 126 22.95 -4.13 -5.92
C TRP A 126 22.54 -4.92 -7.18
N ALA A 127 23.53 -5.22 -8.04
CA ALA A 127 23.28 -5.91 -9.29
C ALA A 127 22.57 -7.26 -9.09
N ARG A 128 22.94 -7.99 -8.04
CA ARG A 128 22.32 -9.29 -7.73
C ARG A 128 20.79 -9.16 -7.51
N LEU A 129 20.35 -8.03 -6.95
CA LEU A 129 18.91 -7.81 -6.70
C LEU A 129 18.09 -7.77 -7.98
N PHE A 130 18.69 -7.32 -9.09
CA PHE A 130 17.99 -7.15 -10.37
C PHE A 130 18.03 -8.41 -11.23
N GLN A 131 19.13 -9.16 -11.09
CA GLN A 131 19.44 -10.29 -11.96
C GLN A 131 18.23 -11.19 -12.32
N PRO A 132 17.55 -11.79 -11.32
CA PRO A 132 16.44 -12.72 -11.64
C PRO A 132 15.24 -12.03 -12.31
N SER A 133 15.04 -10.74 -12.05
CA SER A 133 13.98 -9.99 -12.73
C SER A 133 14.34 -9.65 -14.17
N ILE A 134 15.60 -9.33 -14.42
CA ILE A 134 16.08 -9.17 -15.78
C ILE A 134 15.76 -10.44 -16.62
N GLN A 135 16.07 -11.61 -16.08
CA GLN A 135 15.74 -12.86 -16.74
C GLN A 135 14.26 -13.00 -17.04
N LEU A 136 13.46 -12.84 -15.99
CA LEU A 136 12.01 -12.97 -16.05
C LEU A 136 11.40 -12.10 -17.13
N ALA A 137 11.83 -10.86 -17.23
CA ALA A 137 11.24 -9.92 -18.21
C ALA A 137 11.62 -10.26 -19.63
N ARG A 138 12.82 -10.84 -19.83
CA ARG A 138 13.23 -11.24 -21.18
C ARG A 138 12.59 -12.55 -21.61
N GLN A 139 12.53 -13.53 -20.69
CA GLN A 139 11.99 -14.84 -21.03
CA GLN A 139 11.99 -14.85 -20.94
C GLN A 139 10.46 -14.85 -21.09
N GLY A 140 9.81 -14.07 -20.22
CA GLY A 140 8.38 -13.92 -20.22
C GLY A 140 7.79 -14.72 -19.08
N PHE A 141 6.51 -14.51 -18.83
CA PHE A 141 5.83 -15.30 -17.80
C PHE A 141 4.37 -15.34 -18.18
N PRO A 142 3.63 -16.36 -17.69
CA PRO A 142 2.18 -16.38 -17.88
C PRO A 142 1.49 -15.26 -17.10
N VAL A 143 0.55 -14.55 -17.73
CA VAL A 143 -0.16 -13.50 -17.05
C VAL A 143 -0.92 -14.11 -15.88
N GLY A 144 -0.75 -13.53 -14.69
CA GLY A 144 -1.42 -14.04 -13.48
C GLY A 144 -2.83 -13.52 -13.36
N LYS A 145 -3.53 -13.98 -12.33
CA LYS A 145 -4.93 -13.65 -12.11
C LYS A 145 -5.18 -12.13 -11.95
N GLY A 146 -4.47 -11.50 -11.02
CA GLY A 146 -4.62 -10.05 -10.78
C GLY A 146 -4.43 -9.19 -12.00
N LEU A 147 -3.33 -9.42 -12.71
CA LEU A 147 -3.03 -8.59 -13.88
C LEU A 147 -4.07 -8.86 -14.94
N ALA A 148 -4.46 -10.12 -15.09
CA ALA A 148 -5.50 -10.48 -16.05
C ALA A 148 -6.75 -9.66 -15.81
N ALA A 149 -7.18 -9.60 -14.54
CA ALA A 149 -8.33 -8.77 -14.16
C ALA A 149 -8.14 -7.28 -14.49
N ALA A 150 -6.95 -6.74 -14.17
CA ALA A 150 -6.65 -5.33 -14.48
C ALA A 150 -6.69 -5.09 -15.98
N LEU A 151 -6.13 -6.03 -16.73
CA LEU A 151 -6.09 -5.91 -18.19
C LEU A 151 -7.52 -5.88 -18.74
N GLU A 152 -8.35 -6.76 -18.21
CA GLU A 152 -9.77 -6.80 -18.57
C GLU A 152 -10.41 -5.44 -18.24
N ASN A 153 -10.27 -5.00 -16.99
CA ASN A 153 -10.85 -3.73 -16.53
C ASN A 153 -10.52 -2.56 -17.46
N LYS A 154 -9.31 -2.55 -18.02
CA LYS A 154 -8.82 -1.37 -18.74
C LYS A 154 -8.62 -1.64 -20.22
N ARG A 155 -9.30 -2.69 -20.68
CA ARG A 155 -9.24 -3.16 -22.06
C ARG A 155 -9.28 -2.04 -23.10
N THR A 156 -10.23 -1.12 -22.93
CA THR A 156 -10.44 -0.07 -23.94
C THR A 156 -9.22 0.81 -24.12
N VAL A 157 -8.76 1.42 -23.02
CA VAL A 157 -7.60 2.34 -23.10
C VAL A 157 -6.36 1.59 -23.58
N ILE A 158 -6.11 0.39 -23.04
CA ILE A 158 -4.96 -0.40 -23.48
C ILE A 158 -4.99 -0.59 -24.99
N GLU A 159 -6.12 -1.07 -25.51
CA GLU A 159 -6.18 -1.48 -26.92
C GLU A 159 -6.06 -0.31 -27.87
N GLN A 160 -6.44 0.87 -27.42
CA GLN A 160 -6.39 2.04 -28.28
C GLN A 160 -5.07 2.81 -28.17
N GLN A 161 -4.25 2.47 -27.18
CA GLN A 161 -2.91 3.05 -27.06
C GLN A 161 -1.83 2.04 -27.53
N PRO A 162 -1.24 2.30 -28.72
CA PRO A 162 -0.22 1.43 -29.31
C PRO A 162 0.98 1.14 -28.42
N VAL A 163 1.43 2.12 -27.63
CA VAL A 163 2.59 1.91 -26.77
C VAL A 163 2.28 0.92 -25.63
N LEU A 164 1.04 0.90 -25.15
CA LEU A 164 0.67 -0.10 -24.15
C LEU A 164 0.32 -1.46 -24.77
N CYS A 165 -0.30 -1.45 -25.96
CA CYS A 165 -0.75 -2.71 -26.58
C CYS A 165 0.49 -3.49 -26.97
N GLU A 166 1.55 -2.74 -27.28
CA GLU A 166 2.87 -3.27 -27.62
C GLU A 166 3.35 -4.39 -26.70
N VAL A 167 3.19 -4.22 -25.39
CA VAL A 167 3.55 -5.29 -24.46
C VAL A 167 2.30 -5.98 -23.89
N PHE A 168 1.20 -5.25 -23.78
CA PHE A 168 0.04 -5.81 -23.06
C PHE A 168 -1.03 -6.49 -23.90
N CYS A 169 -0.82 -6.52 -25.23
CA CYS A 169 -1.76 -7.21 -26.12
C CYS A 169 -1.17 -8.39 -26.88
N ARG A 170 -2.06 -9.18 -27.44
CA ARG A 170 -1.76 -10.24 -28.41
C ARG A 170 -2.77 -10.11 -29.55
N ASP A 171 -2.27 -9.67 -30.70
CA ASP A 171 -3.12 -9.33 -31.86
C ASP A 171 -4.16 -8.29 -31.49
N ARG A 172 -3.65 -7.11 -31.06
CA ARG A 172 -4.43 -5.94 -30.65
C ARG A 172 -5.41 -6.15 -29.50
N LYS A 173 -5.45 -7.36 -28.92
CA LYS A 173 -6.38 -7.63 -27.83
C LYS A 173 -5.63 -7.93 -26.54
N VAL A 174 -6.10 -7.39 -25.42
CA VAL A 174 -5.35 -7.53 -24.16
C VAL A 174 -5.10 -9.00 -23.81
N LEU A 175 -3.88 -9.28 -23.36
CA LEU A 175 -3.52 -10.60 -22.88
C LEU A 175 -4.51 -11.08 -21.84
N ARG A 176 -4.62 -12.40 -21.72
CA ARG A 176 -5.52 -13.02 -20.77
C ARG A 176 -4.72 -13.91 -19.83
N GLU A 177 -5.38 -14.38 -18.76
CA GLU A 177 -4.72 -15.20 -17.75
C GLU A 177 -4.08 -16.41 -18.38
N GLY A 178 -2.84 -16.70 -17.99
CA GLY A 178 -2.08 -17.78 -18.60
C GLY A 178 -1.25 -17.47 -19.84
N GLU A 179 -1.57 -16.40 -20.57
CA GLU A 179 -0.76 -16.05 -21.77
C GLU A 179 0.63 -15.42 -21.42
N ARG A 180 1.59 -15.54 -22.33
CA ARG A 180 2.96 -15.07 -22.04
C ARG A 180 3.07 -13.54 -22.15
N LEU A 181 3.56 -12.93 -21.07
CA LEU A 181 3.89 -11.49 -21.12
C LEU A 181 5.39 -11.37 -21.06
N THR A 182 5.95 -10.64 -22.02
CA THR A 182 7.36 -10.28 -21.93
C THR A 182 7.51 -8.75 -21.83
N LEU A 183 8.54 -8.32 -21.11
CA LEU A 183 8.80 -6.89 -20.94
C LEU A 183 10.24 -6.59 -21.33
N PRO A 184 10.52 -6.57 -22.65
CA PRO A 184 11.92 -6.50 -23.06
C PRO A 184 12.59 -5.12 -22.84
N GLN A 185 11.84 -4.03 -22.90
CA GLN A 185 12.46 -2.72 -22.62
C GLN A 185 12.78 -2.51 -21.13
N LEU A 186 11.86 -2.90 -20.25
CA LEU A 186 12.13 -2.90 -18.82
C LEU A 186 13.33 -3.77 -18.47
N ALA A 187 13.43 -4.92 -19.12
CA ALA A 187 14.60 -5.76 -18.89
C ALA A 187 15.91 -4.97 -19.07
N ASP A 188 16.01 -4.25 -20.21
CA ASP A 188 17.17 -3.41 -20.52
C ASP A 188 17.36 -2.32 -19.45
N THR A 189 16.25 -1.71 -19.07
CA THR A 189 16.25 -0.66 -18.07
C THR A 189 16.71 -1.18 -16.73
N TYR A 190 16.18 -2.34 -16.32
CA TYR A 190 16.63 -2.97 -15.07
C TYR A 190 18.12 -3.28 -15.18
N GLU A 191 18.56 -3.70 -16.36
CA GLU A 191 19.99 -3.97 -16.50
C GLU A 191 20.87 -2.73 -16.28
N THR A 192 20.51 -1.63 -16.93
CA THR A 192 21.18 -0.36 -16.74
C THR A 192 21.22 0.02 -15.26
N LEU A 193 20.07 -0.09 -14.59
CA LEU A 193 19.97 0.25 -13.17
C LEU A 193 20.89 -0.63 -12.34
N ALA A 194 21.02 -1.89 -12.73
CA ALA A 194 21.84 -2.87 -12.01
C ALA A 194 23.32 -2.50 -12.08
N ILE A 195 23.74 -1.97 -13.22
CA ILE A 195 25.14 -1.73 -13.53
C ILE A 195 25.55 -0.30 -13.19
N GLU A 196 24.74 0.66 -13.58
CA GLU A 196 25.01 2.07 -13.36
C GLU A 196 24.48 2.54 -12.03
N GLY A 197 23.58 1.80 -11.40
CA GLY A 197 23.09 2.25 -10.11
C GLY A 197 21.90 3.20 -10.21
N ALA A 198 21.36 3.57 -9.06
CA ALA A 198 20.22 4.46 -9.00
C ALA A 198 20.46 5.75 -9.76
N GLN A 199 21.69 6.27 -9.69
CA GLN A 199 21.97 7.55 -10.33
CA GLN A 199 22.04 7.53 -10.37
C GLN A 199 21.61 7.53 -11.82
N ALA A 200 21.57 6.34 -12.44
CA ALA A 200 21.17 6.28 -13.86
C ALA A 200 19.75 6.83 -14.07
N PHE A 201 18.84 6.55 -13.14
CA PHE A 201 17.42 7.03 -13.23
C PHE A 201 17.35 8.55 -13.01
N TYR A 202 18.04 9.03 -11.98
CA TYR A 202 17.78 10.36 -11.45
C TYR A 202 18.72 11.46 -11.94
N ASN A 203 19.94 11.07 -12.33
CA ASN A 203 20.96 12.03 -12.81
C ASN A 203 22.01 11.30 -13.68
N GLY A 204 21.55 10.65 -14.75
CA GLY A 204 22.35 9.64 -15.44
C GLY A 204 21.72 9.30 -16.76
N SER A 205 22.02 8.11 -17.27
CA SER A 205 21.70 7.78 -18.66
C SER A 205 20.20 7.60 -18.97
N LEU A 206 19.35 7.44 -17.95
CA LEU A 206 17.91 7.26 -18.21
C LEU A 206 17.13 8.57 -18.11
N THR A 207 17.75 9.56 -17.47
CA THR A 207 17.07 10.75 -17.04
C THR A 207 16.40 11.57 -18.13
N ALA A 208 17.12 11.88 -19.22
CA ALA A 208 16.57 12.73 -20.28
C ALA A 208 15.39 12.04 -20.96
N GLN A 209 15.53 10.73 -21.19
CA GLN A 209 14.46 9.92 -21.76
C GLN A 209 13.18 9.95 -20.92
N ILE A 210 13.33 9.86 -19.59
CA ILE A 210 12.19 9.91 -18.68
C ILE A 210 11.46 11.24 -18.87
N VAL A 211 12.23 12.32 -18.88
CA VAL A 211 11.68 13.67 -18.94
C VAL A 211 10.95 13.85 -20.27
N LYS A 212 11.54 13.29 -21.31
CA LYS A 212 10.95 13.39 -22.63
C LYS A 212 9.64 12.60 -22.75
N ASP A 213 9.58 11.38 -22.21
CA ASP A 213 8.33 10.58 -22.17
C ASP A 213 7.21 11.32 -21.41
N ILE A 214 7.53 11.91 -20.28
CA ILE A 214 6.53 12.57 -19.44
C ILE A 214 6.01 13.84 -20.11
N GLN A 215 6.90 14.64 -20.69
CA GLN A 215 6.50 15.90 -21.32
C GLN A 215 5.80 15.65 -22.64
N ALA A 216 6.24 14.63 -23.38
CA ALA A 216 5.51 14.27 -24.61
C ALA A 216 4.04 13.96 -24.36
N ALA A 217 3.72 13.38 -23.21
CA ALA A 217 2.36 13.02 -22.84
C ALA A 217 1.68 14.18 -22.11
N GLY A 218 2.35 15.33 -22.09
CA GLY A 218 1.78 16.57 -21.57
C GLY A 218 2.17 16.90 -20.14
N GLY A 219 3.17 16.22 -19.61
CA GLY A 219 3.55 16.39 -18.22
C GLY A 219 4.50 17.53 -18.06
N ILE A 220 4.97 17.73 -16.84
CA ILE A 220 5.77 18.92 -16.54
C ILE A 220 6.97 18.63 -15.66
N VAL A 221 7.22 17.34 -15.43
CA VAL A 221 8.39 16.87 -14.71
C VAL A 221 9.61 17.29 -15.55
N THR A 222 10.64 17.83 -14.89
CA THR A 222 11.86 18.21 -15.58
C THR A 222 13.04 17.44 -15.00
N ALA A 223 14.21 17.60 -15.60
CA ALA A 223 15.43 16.91 -15.12
C ALA A 223 15.77 17.30 -13.70
N GLU A 224 15.55 18.57 -13.37
CA GLU A 224 15.85 19.10 -12.05
C GLU A 224 15.04 18.39 -10.98
N ASP A 225 13.77 18.10 -11.30
CA ASP A 225 12.87 17.33 -10.41
C ASP A 225 13.52 15.98 -10.05
N LEU A 226 14.00 15.29 -11.08
CA LEU A 226 14.66 13.99 -10.89
C LEU A 226 15.98 14.14 -10.12
N ASN A 227 16.84 15.05 -10.60
CA ASN A 227 18.09 15.34 -9.87
C ASN A 227 17.78 15.62 -8.41
N ASN A 228 16.67 16.34 -8.13
CA ASN A 228 16.37 16.78 -6.76
C ASN A 228 15.70 15.78 -5.86
N TYR A 229 15.14 14.72 -6.45
CA TYR A 229 14.38 13.77 -5.65
C TYR A 229 15.24 13.19 -4.53
N ARG A 230 14.68 13.10 -3.31
CA ARG A 230 15.38 12.42 -2.23
C ARG A 230 14.46 11.47 -1.48
N ALA A 231 14.92 10.24 -1.26
CA ALA A 231 14.24 9.32 -0.32
C ALA A 231 14.57 9.79 1.07
N GLU A 232 13.68 9.56 2.02
CA GLU A 232 13.91 10.05 3.38
C GLU A 232 13.89 8.94 4.44
N LEU A 233 14.92 8.94 5.28
CA LEU A 233 14.96 8.07 6.46
C LEU A 233 14.15 8.69 7.57
N ILE A 234 13.22 7.92 8.14
CA ILE A 234 12.47 8.37 9.31
C ILE A 234 12.86 7.43 10.45
N GLU A 235 13.63 7.95 11.39
CA GLU A 235 14.22 7.14 12.44
C GLU A 235 13.25 6.87 13.56
N HIS A 236 12.26 7.75 13.70
CA HIS A 236 11.19 7.56 14.68
C HIS A 236 9.82 7.38 14.01
N PRO A 237 9.50 6.16 13.56
CA PRO A 237 8.19 5.95 12.98
C PRO A 237 7.12 6.08 14.04
N LEU A 238 5.88 6.14 13.60
CA LEU A 238 4.77 6.10 14.51
C LEU A 238 4.77 4.73 15.17
N ASN A 239 4.30 4.68 16.40
CA ASN A 239 4.11 3.43 17.08
C ASN A 239 2.89 3.53 17.97
N ILE A 240 2.26 2.41 18.26
CA ILE A 240 1.28 2.38 19.31
C ILE A 240 1.52 1.12 20.09
N SER A 241 1.07 1.15 21.33
CA SER A 241 1.23 0.02 22.21
C SER A 241 -0.07 -0.77 22.17
N LEU A 242 0.01 -2.07 21.93
CA LEU A 242 -1.13 -2.97 22.04
C LEU A 242 -0.75 -4.14 22.92
N GLY A 243 -1.30 -4.21 24.13
CA GLY A 243 -0.94 -5.28 25.07
C GLY A 243 0.56 -5.26 25.34
N ASP A 244 1.23 -6.40 25.12
CA ASP A 244 2.68 -6.51 25.24
C ASP A 244 3.42 -6.17 23.95
N ALA A 245 2.76 -5.53 23.00
CA ALA A 245 3.35 -5.35 21.68
C ALA A 245 3.39 -3.89 21.34
N VAL A 246 4.33 -3.54 20.46
CA VAL A 246 4.36 -2.22 19.86
C VAL A 246 4.11 -2.40 18.36
N LEU A 247 3.43 -1.44 17.74
CA LEU A 247 3.19 -1.51 16.30
C LEU A 247 3.81 -0.31 15.63
N TYR A 248 4.75 -0.59 14.72
CA TYR A 248 5.42 0.45 13.99
C TYR A 248 4.78 0.67 12.63
N MET A 249 4.54 1.92 12.28
CA MET A 249 3.87 2.27 11.03
C MET A 249 4.21 3.70 10.66
N PRO A 250 4.09 4.05 9.37
CA PRO A 250 4.44 5.41 8.92
C PRO A 250 3.40 6.42 9.34
N SER A 251 3.83 7.60 9.75
CA SER A 251 2.90 8.68 10.01
C SER A 251 2.52 9.37 8.68
N ALA A 252 1.78 10.47 8.77
CA ALA A 252 1.49 11.28 7.61
C ALA A 252 2.83 11.52 6.86
N PRO A 253 2.85 11.42 5.53
CA PRO A 253 1.66 11.43 4.68
C PRO A 253 0.94 10.08 4.47
N LEU A 254 1.33 9.03 5.18
CA LEU A 254 0.63 7.75 5.09
C LEU A 254 -0.40 7.65 6.24
N SER A 255 -1.05 6.51 6.38
CA SER A 255 -2.25 6.40 7.22
C SER A 255 -2.08 5.69 8.56
N GLY A 256 -0.85 5.54 9.00
CA GLY A 256 -0.56 5.11 10.36
C GLY A 256 -1.48 5.75 11.40
N PRO A 257 -1.67 7.09 11.34
CA PRO A 257 -2.49 7.73 12.36
C PRO A 257 -3.93 7.25 12.33
N VAL A 258 -4.45 6.97 11.13
CA VAL A 258 -5.81 6.39 10.96
C VAL A 258 -5.89 4.99 11.54
N LEU A 259 -4.87 4.16 11.24
CA LEU A 259 -4.79 2.82 11.77
C LEU A 259 -4.69 2.80 13.29
N ALA A 260 -3.79 3.63 13.82
CA ALA A 260 -3.55 3.79 15.25
C ALA A 260 -4.87 4.12 15.95
N LEU A 261 -5.60 5.10 15.42
CA LEU A 261 -6.86 5.52 16.02
C LEU A 261 -7.94 4.40 15.97
N ILE A 262 -8.09 3.73 14.83
CA ILE A 262 -9.00 2.57 14.72
C ILE A 262 -8.72 1.55 15.83
N LEU A 263 -7.45 1.14 15.99
CA LEU A 263 -7.10 0.10 16.97
C LEU A 263 -7.15 0.57 18.42
N ASN A 264 -6.78 1.82 18.66
CA ASN A 264 -6.91 2.42 19.98
C ASN A 264 -8.38 2.56 20.38
N ILE A 265 -9.24 3.01 19.49
CA ILE A 265 -10.67 2.95 19.81
C ILE A 265 -11.08 1.54 20.18
N LEU A 266 -10.68 0.55 19.38
CA LEU A 266 -11.16 -0.81 19.54
C LEU A 266 -10.53 -1.57 20.71
N LYS A 267 -9.28 -1.25 21.07
CA LYS A 267 -8.63 -2.01 22.13
C LYS A 267 -9.38 -1.91 23.46
N GLY A 268 -10.04 -0.79 23.69
CA GLY A 268 -10.82 -0.61 24.91
C GLY A 268 -12.04 -1.50 25.06
N TYR A 269 -12.47 -2.13 23.97
CA TYR A 269 -13.53 -3.14 24.07
C TYR A 269 -13.03 -4.54 24.48
N ASN A 270 -11.71 -4.74 24.54
CA ASN A 270 -11.09 -6.04 24.88
C ASN A 270 -11.67 -7.21 24.10
N PHE A 271 -11.53 -7.17 22.78
CA PHE A 271 -12.02 -8.25 21.91
C PHE A 271 -11.21 -9.53 22.17
N SER A 272 -11.86 -10.68 22.03
CA SER A 272 -11.21 -11.95 22.19
C SER A 272 -11.99 -12.90 21.29
N ARG A 273 -11.67 -14.19 21.33
CA ARG A 273 -12.38 -15.13 20.47
C ARG A 273 -13.86 -15.22 20.87
N GLU A 274 -14.16 -14.82 22.10
CA GLU A 274 -15.55 -14.77 22.57
C GLU A 274 -16.36 -13.78 21.76
N SER A 275 -15.71 -12.67 21.40
CA SER A 275 -16.32 -11.57 20.62
C SER A 275 -17.02 -12.02 19.35
N VAL A 276 -16.62 -13.18 18.83
CA VAL A 276 -17.18 -13.68 17.59
C VAL A 276 -17.89 -15.03 17.72
N GLU A 277 -18.03 -15.52 18.96
CA GLU A 277 -18.53 -16.87 19.21
C GLU A 277 -20.03 -17.08 19.00
N SER A 278 -20.84 -16.06 19.26
CA SER A 278 -22.28 -16.10 19.03
C SER A 278 -22.67 -14.95 18.10
N PRO A 279 -23.79 -15.10 17.33
CA PRO A 279 -24.27 -13.99 16.48
C PRO A 279 -24.57 -12.71 17.24
N GLU A 280 -25.04 -12.82 18.48
CA GLU A 280 -25.28 -11.65 19.32
C GLU A 280 -23.99 -10.86 19.52
N GLN A 281 -22.93 -11.55 19.93
CA GLN A 281 -21.66 -10.89 20.18
C GLN A 281 -20.95 -10.48 18.89
N LYS A 282 -20.99 -11.36 17.90
CA LYS A 282 -20.34 -11.13 16.62
C LYS A 282 -20.90 -9.85 15.98
N GLY A 283 -22.23 -9.72 15.98
CA GLY A 283 -22.92 -8.59 15.37
C GLY A 283 -22.51 -7.29 16.04
N LEU A 284 -22.45 -7.30 17.36
CA LEU A 284 -22.06 -6.12 18.10
C LEU A 284 -20.59 -5.81 17.82
N THR A 285 -19.77 -6.86 17.78
CA THR A 285 -18.37 -6.67 17.52
C THR A 285 -18.15 -5.96 16.20
N TYR A 286 -18.80 -6.41 15.14
CA TYR A 286 -18.57 -5.85 13.82
C TYR A 286 -19.16 -4.46 13.69
N HIS A 287 -20.26 -4.23 14.41
CA HIS A 287 -20.83 -2.92 14.47
C HIS A 287 -19.84 -1.96 15.09
N ARG A 288 -19.24 -2.36 16.20
CA ARG A 288 -18.24 -1.54 16.86
C ARG A 288 -17.07 -1.23 15.92
N ILE A 289 -16.64 -2.24 15.17
CA ILE A 289 -15.56 -2.07 14.22
C ILE A 289 -15.89 -0.98 13.22
N VAL A 290 -17.07 -1.05 12.61
CA VAL A 290 -17.49 -0.11 11.60
C VAL A 290 -17.59 1.33 12.15
N GLU A 291 -18.07 1.46 13.37
CA GLU A 291 -18.16 2.78 14.01
C GLU A 291 -16.77 3.40 14.27
N ALA A 292 -15.79 2.55 14.64
CA ALA A 292 -14.39 2.98 14.82
C ALA A 292 -13.82 3.42 13.46
N PHE A 293 -14.13 2.67 12.39
CA PHE A 293 -13.75 3.10 11.03
C PHE A 293 -14.30 4.52 10.81
N ARG A 294 -15.55 4.72 11.19
CA ARG A 294 -16.18 5.99 10.88
C ARG A 294 -15.54 7.16 11.58
N PHE A 295 -15.31 6.98 12.88
CA PHE A 295 -14.64 7.98 13.68
C PHE A 295 -13.23 8.25 13.17
N ALA A 296 -12.54 7.20 12.73
CA ALA A 296 -11.13 7.34 12.36
C ALA A 296 -11.03 8.12 11.06
N TYR A 297 -11.93 7.81 10.12
CA TYR A 297 -11.89 8.50 8.83
C TYR A 297 -12.39 9.95 8.88
N ALA A 298 -13.14 10.29 9.93
CA ALA A 298 -13.59 11.65 10.19
C ALA A 298 -12.37 12.59 10.38
N LYS A 299 -11.37 12.07 11.05
CA LYS A 299 -10.18 12.80 11.44
C LYS A 299 -9.13 12.84 10.30
N ARG A 300 -9.23 11.84 9.40
CA ARG A 300 -8.31 11.67 8.28
C ARG A 300 -8.27 12.87 7.32
N THR A 301 -9.38 13.57 7.18
CA THR A 301 -9.43 14.73 6.30
C THR A 301 -8.56 15.90 6.75
N LEU A 302 -8.02 15.84 7.96
CA LEU A 302 -7.06 16.86 8.36
C LEU A 302 -5.62 16.54 7.96
N LEU A 303 -5.36 15.30 7.50
CA LEU A 303 -3.99 14.84 7.25
C LEU A 303 -3.43 15.31 5.93
N GLY A 304 -2.11 15.48 5.87
CA GLY A 304 -1.42 15.93 4.66
C GLY A 304 0.08 15.85 4.90
N ASP A 305 0.85 16.18 3.87
CA ASP A 305 2.32 16.13 3.96
C ASP A 305 2.78 17.07 5.10
N PRO A 306 3.37 16.50 6.16
CA PRO A 306 3.71 17.24 7.39
C PRO A 306 4.76 18.30 7.18
N LYS A 307 5.44 18.27 6.03
CA LYS A 307 6.36 19.34 5.66
C LYS A 307 5.65 20.56 5.14
N PHE A 308 4.44 20.41 4.61
CA PHE A 308 3.68 21.55 4.10
C PHE A 308 2.49 21.97 5.00
N VAL A 309 2.07 21.07 5.89
CA VAL A 309 0.88 21.24 6.70
C VAL A 309 1.31 20.91 8.09
N ASP A 310 0.88 21.69 9.08
CA ASP A 310 1.21 21.34 10.44
C ASP A 310 0.19 20.32 10.94
N VAL A 311 0.62 19.07 11.09
CA VAL A 311 -0.29 18.02 11.54
C VAL A 311 0.12 17.45 12.89
N THR A 312 1.10 18.09 13.53
CA THR A 312 1.66 17.63 14.80
CA THR A 312 1.65 17.63 14.79
C THR A 312 0.56 17.27 15.80
N GLU A 313 -0.43 18.16 15.96
CA GLU A 313 -1.48 17.94 16.96
C GLU A 313 -2.64 17.08 16.46
N VAL A 314 -2.93 17.15 15.18
CA VAL A 314 -3.90 16.24 14.58
C VAL A 314 -3.44 14.80 14.81
N VAL A 315 -2.14 14.56 14.62
CA VAL A 315 -1.55 13.23 14.78
C VAL A 315 -1.43 12.86 16.26
N ARG A 316 -1.18 13.85 17.11
CA ARG A 316 -1.15 13.60 18.55
C ARG A 316 -2.51 13.06 18.99
N ASN A 317 -3.56 13.74 18.59
CA ASN A 317 -4.90 13.25 18.91
C ASN A 317 -5.19 11.83 18.38
N MET A 318 -4.85 11.59 17.11
CA MET A 318 -5.19 10.34 16.49
C MET A 318 -4.46 9.16 17.11
N THR A 319 -3.30 9.42 17.70
CA THR A 319 -2.48 8.36 18.33
C THR A 319 -2.67 8.27 19.86
N SER A 320 -3.45 9.20 20.42
CA SER A 320 -3.73 9.25 21.84
C SER A 320 -4.83 8.30 22.27
N GLU A 321 -4.55 7.48 23.27
CA GLU A 321 -5.57 6.60 23.86
C GLU A 321 -6.73 7.30 24.51
N PHE A 322 -6.46 8.43 25.15
CA PHE A 322 -7.54 9.16 25.81
C PHE A 322 -8.54 9.63 24.76
N PHE A 323 -7.99 10.20 23.69
CA PHE A 323 -8.79 10.69 22.58
C PHE A 323 -9.59 9.53 21.98
N ALA A 324 -8.99 8.37 21.85
CA ALA A 324 -9.69 7.18 21.37
C ALA A 324 -10.80 6.74 22.35
N ALA A 325 -10.53 6.87 23.65
CA ALA A 325 -11.54 6.56 24.68
C ALA A 325 -12.71 7.52 24.58
N GLN A 326 -12.42 8.79 24.28
CA GLN A 326 -13.51 9.75 24.06
C GLN A 326 -14.39 9.38 22.87
N LEU A 327 -13.76 8.88 21.80
CA LEU A 327 -14.53 8.42 20.64
C LEU A 327 -15.27 7.11 20.92
N ARG A 328 -14.61 6.15 21.59
CA ARG A 328 -15.28 4.90 21.94
CA ARG A 328 -15.25 4.89 21.98
C ARG A 328 -16.55 5.13 22.76
N ALA A 329 -16.56 6.16 23.59
CA ALA A 329 -17.73 6.45 24.41
C ALA A 329 -18.88 7.03 23.60
N GLN A 330 -18.61 7.54 22.39
CA GLN A 330 -19.70 8.01 21.56
C GLN A 330 -20.26 6.94 20.62
N ILE A 331 -19.67 5.76 20.68
CA ILE A 331 -20.19 4.66 19.89
C ILE A 331 -21.40 4.06 20.60
N SER A 332 -22.56 4.17 19.97
CA SER A 332 -23.79 3.63 20.51
C SER A 332 -23.87 2.20 20.07
N ASP A 333 -24.19 1.32 21.01
CA ASP A 333 -24.23 -0.09 20.70
C ASP A 333 -25.37 -0.53 19.82
N ASP A 334 -26.44 0.25 19.75
CA ASP A 334 -27.67 -0.13 19.04
C ASP A 334 -27.91 0.59 17.71
N THR A 335 -27.06 1.56 17.38
CA THR A 335 -27.29 2.32 16.17
C THR A 335 -26.02 2.95 15.60
N THR A 336 -25.99 3.11 14.28
CA THR A 336 -24.99 3.98 13.69
C THR A 336 -25.57 5.42 13.67
N HIS A 337 -24.79 6.39 13.18
CA HIS A 337 -25.23 7.81 13.21
C HIS A 337 -25.01 8.53 11.85
N PRO A 338 -25.62 9.71 11.69
CA PRO A 338 -25.37 10.54 10.48
C PRO A 338 -23.92 11.05 10.41
N ILE A 339 -23.45 11.44 9.22
CA ILE A 339 -22.05 11.89 9.01
C ILE A 339 -21.59 12.86 10.12
N SER A 340 -22.42 13.85 10.49
CA SER A 340 -21.96 14.97 11.32
C SER A 340 -21.70 14.55 12.75
N TYR A 341 -22.28 13.42 13.13
CA TYR A 341 -22.06 12.89 14.46
C TYR A 341 -20.55 12.67 14.72
N TYR A 342 -19.79 12.32 13.68
CA TYR A 342 -18.38 11.92 13.84
C TYR A 342 -17.40 13.10 13.74
N LYS A 343 -17.96 14.29 13.55
CA LYS A 343 -17.21 15.53 13.38
C LYS A 343 -16.08 15.48 12.36
N PRO A 344 -16.39 15.10 11.11
CA PRO A 344 -15.33 15.22 10.10
C PRO A 344 -14.95 16.68 9.93
N GLU A 345 -13.67 16.97 9.87
CA GLU A 345 -13.23 18.37 9.73
C GLU A 345 -12.41 18.55 8.49
N PHE A 346 -12.60 19.70 7.83
CA PHE A 346 -11.86 20.05 6.62
C PHE A 346 -10.86 21.22 6.81
N TYR A 347 -11.00 21.96 7.91
CA TYR A 347 -9.99 22.90 8.42
C TYR A 347 -9.81 22.62 9.91
N THR A 348 -8.93 23.36 10.60
CA THR A 348 -8.83 23.24 12.08
C THR A 348 -9.28 24.52 12.80
N THR B 1 -1.48 -1.10 -6.50
CA THR B 1 -0.71 -1.17 -5.22
C THR B 1 -0.28 -2.62 -4.92
N ALA B 2 0.92 -2.80 -4.37
CA ALA B 2 1.33 -4.12 -3.92
C ALA B 2 1.87 -4.01 -2.49
N HIS B 3 1.49 -4.96 -1.65
CA HIS B 3 2.09 -5.08 -0.34
C HIS B 3 2.95 -6.34 -0.24
N LEU B 4 4.08 -6.18 0.42
CA LEU B 4 5.05 -7.26 0.58
C LEU B 4 5.49 -7.35 2.05
N SER B 5 5.59 -8.57 2.57
CA SER B 5 6.04 -8.80 3.95
C SER B 5 7.23 -9.76 4.00
N VAL B 6 8.28 -9.38 4.71
CA VAL B 6 9.48 -10.23 4.81
C VAL B 6 10.01 -10.35 6.25
N VAL B 7 10.22 -11.60 6.67
CA VAL B 7 11.04 -11.90 7.88
C VAL B 7 12.35 -12.69 7.53
N ALA B 8 13.51 -12.12 7.84
CA ALA B 8 14.80 -12.84 7.66
C ALA B 8 15.14 -13.79 8.82
N GLU B 9 16.14 -14.65 8.61
CA GLU B 9 16.57 -15.67 9.57
C GLU B 9 17.00 -15.05 10.90
N ASP B 10 17.67 -13.91 10.85
CA ASP B 10 18.05 -13.19 12.06
C ASP B 10 16.87 -12.49 12.78
N GLY B 11 15.64 -12.70 12.33
CA GLY B 11 14.48 -12.03 12.95
C GLY B 11 14.23 -10.59 12.51
N SER B 12 15.11 -10.05 11.66
CA SER B 12 14.83 -8.77 11.03
C SER B 12 13.64 -8.87 10.08
N ALA B 13 12.97 -7.75 9.84
CA ALA B 13 11.74 -7.79 9.06
C ALA B 13 11.58 -6.53 8.23
N VAL B 14 10.91 -6.68 7.09
CA VAL B 14 10.51 -5.55 6.24
C VAL B 14 9.01 -5.62 5.88
N SER B 15 8.31 -4.48 6.01
CA SER B 15 6.96 -4.35 5.54
C SER B 15 6.96 -3.19 4.52
N ALA B 16 6.54 -3.48 3.29
CA ALA B 16 6.78 -2.56 2.16
C ALA B 16 5.54 -2.49 1.31
N THR B 17 4.98 -1.30 1.16
CA THR B 17 3.87 -1.09 0.22
C THR B 17 4.31 -0.07 -0.85
N SER B 18 4.02 -0.42 -2.10
CA SER B 18 4.48 0.32 -3.25
C SER B 18 3.36 0.50 -4.26
N THR B 19 3.35 1.62 -4.98
CA THR B 19 2.22 1.91 -5.87
C THR B 19 2.57 2.87 -7.01
N ILE B 20 1.90 2.69 -8.15
CA ILE B 20 1.87 3.69 -9.22
C ILE B 20 0.45 4.30 -9.25
N ASN B 21 -0.30 4.03 -8.18
CA ASN B 21 -1.68 4.47 -7.99
C ASN B 21 -2.72 3.62 -8.75
N LEU B 22 -3.38 4.16 -9.76
CA LEU B 22 -4.41 3.38 -10.43
C LEU B 22 -3.79 2.33 -11.34
N TYR B 23 -4.63 1.42 -11.84
CA TYR B 23 -4.25 0.38 -12.80
C TYR B 23 -3.49 0.99 -13.96
N PHE B 24 -2.22 0.60 -14.11
CA PHE B 24 -1.33 1.17 -15.16
C PHE B 24 -1.06 2.66 -14.99
N GLY B 25 -1.27 3.15 -13.76
CA GLY B 25 -0.93 4.53 -13.40
C GLY B 25 -1.51 5.51 -14.40
N SER B 26 -0.66 6.40 -14.88
CA SER B 26 -1.07 7.42 -15.86
C SER B 26 -1.46 6.86 -17.25
N LYS B 27 -1.18 5.58 -17.51
CA LYS B 27 -1.32 5.00 -18.86
C LYS B 27 -0.27 5.54 -19.82
N VAL B 28 0.73 6.23 -19.26
CA VAL B 28 1.94 6.62 -19.99
C VAL B 28 3.07 5.60 -19.77
N ARG B 29 3.36 4.85 -20.83
CA ARG B 29 4.49 3.93 -20.89
C ARG B 29 5.57 4.49 -21.81
N SER B 30 6.80 4.42 -21.40
CA SER B 30 7.85 4.82 -22.30
C SER B 30 8.08 3.73 -23.34
N PRO B 31 8.09 4.10 -24.63
CA PRO B 31 8.41 3.10 -25.67
C PRO B 31 9.90 2.72 -25.66
N VAL B 32 10.75 3.61 -25.14
CA VAL B 32 12.15 3.36 -25.09
C VAL B 32 12.54 2.55 -23.83
N SER B 33 12.13 3.00 -22.64
CA SER B 33 12.57 2.37 -21.40
C SER B 33 11.59 1.34 -20.88
N GLY B 34 10.35 1.41 -21.34
CA GLY B 34 9.30 0.52 -20.83
C GLY B 34 8.72 0.93 -19.48
N ILE B 35 9.26 1.99 -18.87
CA ILE B 35 8.76 2.47 -17.61
C ILE B 35 7.31 2.94 -17.76
N LEU B 36 6.48 2.50 -16.81
CA LEU B 36 5.07 2.86 -16.74
C LEU B 36 4.92 3.86 -15.60
N PHE B 37 4.46 5.05 -15.93
CA PHE B 37 4.50 6.18 -14.99
C PHE B 37 3.24 6.26 -14.15
N ASN B 38 3.46 6.56 -12.86
CA ASN B 38 2.43 6.71 -11.87
C ASN B 38 1.46 7.80 -12.25
N ASN B 39 0.28 7.74 -11.65
CA ASN B 39 -0.63 8.87 -11.67
C ASN B 39 -0.93 9.25 -10.25
N GLU B 40 0.14 9.39 -9.47
CA GLU B 40 0.03 9.69 -8.06
C GLU B 40 -0.52 11.10 -7.80
N MET B 41 -0.52 11.99 -8.79
CA MET B 41 -1.04 13.36 -8.57
C MET B 41 -2.54 13.29 -8.28
N ASP B 42 -3.19 12.21 -8.71
CA ASP B 42 -4.58 12.00 -8.43
C ASP B 42 -4.91 11.80 -6.94
N ASP B 43 -3.92 11.44 -6.11
CA ASP B 43 -4.17 11.37 -4.66
C ASP B 43 -4.19 12.70 -3.96
N PHE B 44 -3.87 13.79 -4.65
CA PHE B 44 -4.09 15.12 -4.02
C PHE B 44 -5.55 15.47 -4.07
N SER B 45 -5.97 16.33 -3.15
CA SER B 45 -7.29 16.95 -3.27
C SER B 45 -7.20 18.17 -4.23
N SER B 46 -8.22 18.44 -5.04
CA SER B 46 -8.19 19.62 -5.94
C SER B 46 -9.47 20.44 -5.78
N PRO B 47 -9.38 21.77 -5.53
CA PRO B 47 -10.59 22.62 -5.32
C PRO B 47 -11.64 22.55 -6.44
N SER B 48 -11.22 22.30 -7.68
CA SER B 48 -12.15 22.21 -8.81
C SER B 48 -12.77 20.82 -9.07
N ILE B 49 -12.33 19.80 -8.36
CA ILE B 49 -12.87 18.46 -8.55
C ILE B 49 -13.70 18.01 -7.34
N THR B 50 -14.97 17.75 -7.58
CA THR B 50 -15.80 17.01 -6.65
C THR B 50 -15.68 15.52 -6.98
N ASN B 51 -15.33 14.70 -5.98
CA ASN B 51 -15.39 13.27 -6.18
C ASN B 51 -16.78 12.78 -5.79
N GLU B 52 -17.00 12.64 -4.48
CA GLU B 52 -18.28 12.21 -3.95
C GLU B 52 -19.26 13.36 -3.80
N PHE B 53 -20.49 13.11 -4.21
CA PHE B 53 -21.63 13.94 -3.93
C PHE B 53 -21.53 14.44 -2.49
N GLY B 54 -21.50 15.76 -2.32
CA GLY B 54 -21.45 16.32 -0.97
C GLY B 54 -20.12 16.29 -0.23
N VAL B 55 -19.07 15.72 -0.83
CA VAL B 55 -17.74 15.73 -0.18
C VAL B 55 -16.89 16.89 -0.68
N PRO B 56 -16.53 17.82 0.23
CA PRO B 56 -15.74 18.97 -0.20
C PRO B 56 -14.27 18.60 -0.35
N PRO B 57 -13.48 19.43 -1.08
CA PRO B 57 -12.00 19.37 -1.11
C PRO B 57 -11.37 19.40 0.28
N SER B 58 -10.25 18.69 0.46
CA SER B 58 -9.47 18.75 1.69
C SER B 58 -8.23 19.62 1.54
N PRO B 59 -8.29 20.88 2.06
CA PRO B 59 -7.18 21.83 1.91
C PRO B 59 -5.84 21.34 2.46
N ALA B 60 -5.86 20.52 3.52
CA ALA B 60 -4.63 19.90 3.98
C ALA B 60 -3.89 19.07 2.87
N ASN B 61 -4.63 18.57 1.88
CA ASN B 61 -4.06 17.68 0.85
C ASN B 61 -4.09 18.29 -0.58
N PHE B 62 -4.08 19.63 -0.70
CA PHE B 62 -3.93 20.31 -2.00
C PHE B 62 -2.50 20.13 -2.55
N ILE B 63 -2.36 20.29 -3.87
CA ILE B 63 -1.07 20.22 -4.55
C ILE B 63 -0.22 21.45 -4.23
N GLN B 64 1.05 21.24 -3.88
CA GLN B 64 2.07 22.28 -3.86
C GLN B 64 3.31 21.64 -4.45
N PRO B 65 4.16 22.42 -5.17
CA PRO B 65 5.45 21.91 -5.68
C PRO B 65 6.27 21.29 -4.55
N GLY B 66 6.77 20.07 -4.74
CA GLY B 66 7.57 19.38 -3.71
C GLY B 66 6.78 18.65 -2.61
N LYS B 67 5.45 18.70 -2.69
CA LYS B 67 4.63 18.12 -1.62
C LYS B 67 4.29 16.66 -1.97
N GLN B 68 4.17 15.80 -0.95
CA GLN B 68 3.67 14.42 -1.16
C GLN B 68 2.16 14.29 -0.92
N PRO B 69 1.45 13.58 -1.82
CA PRO B 69 -0.01 13.40 -1.60
C PRO B 69 -0.32 12.43 -0.45
N LEU B 70 -1.41 12.68 0.25
CA LEU B 70 -1.89 11.78 1.30
C LEU B 70 -2.08 10.38 0.71
N SER B 71 -1.78 9.36 1.51
CA SER B 71 -1.88 7.96 1.10
C SER B 71 -2.62 7.15 2.15
N SER B 72 -3.32 6.10 1.72
CA SER B 72 -3.98 5.16 2.63
C SER B 72 -3.05 4.01 3.02
N MET B 73 -1.90 3.92 2.36
CA MET B 73 -0.94 2.84 2.62
C MET B 73 -0.52 2.87 4.08
N CYS B 74 -0.24 1.69 4.63
CA CYS B 74 0.17 1.58 6.02
CA CYS B 74 0.24 1.62 6.02
C CYS B 74 1.02 0.34 6.33
N PRO B 75 2.20 0.19 5.71
CA PRO B 75 3.03 -0.99 5.99
C PRO B 75 3.48 -1.06 7.46
N THR B 76 3.10 -2.14 8.12
CA THR B 76 3.20 -2.27 9.58
CA THR B 76 3.22 -2.28 9.58
C THR B 76 4.06 -3.47 10.02
N ILE B 77 4.82 -3.28 11.09
CA ILE B 77 5.53 -4.35 11.78
C ILE B 77 5.13 -4.34 13.27
N MET B 78 4.57 -5.46 13.74
CA MET B 78 4.27 -5.60 15.17
C MET B 78 5.42 -6.36 15.87
N VAL B 79 6.07 -5.72 16.85
CA VAL B 79 7.16 -6.35 17.60
C VAL B 79 6.73 -6.62 19.06
N GLY B 80 7.08 -7.80 19.57
CA GLY B 80 6.79 -8.18 20.96
C GLY B 80 7.67 -7.43 21.95
N GLN B 81 7.25 -7.41 23.21
CA GLN B 81 8.00 -6.69 24.26
C GLN B 81 9.42 -7.22 24.35
N ASP B 82 9.59 -8.51 24.04
CA ASP B 82 10.92 -9.13 24.05
C ASP B 82 11.79 -8.75 22.84
N GLY B 83 11.31 -7.89 21.94
CA GLY B 83 12.12 -7.51 20.77
C GLY B 83 11.98 -8.41 19.55
N GLN B 84 11.21 -9.48 19.66
CA GLN B 84 10.95 -10.35 18.53
C GLN B 84 9.72 -9.93 17.73
N VAL B 85 9.84 -9.93 16.40
CA VAL B 85 8.73 -9.71 15.48
C VAL B 85 7.57 -10.67 15.69
N ARG B 86 6.35 -10.11 15.79
CA ARG B 86 5.11 -10.91 15.92
C ARG B 86 4.25 -10.97 14.66
N MET B 87 4.20 -9.87 13.91
CA MET B 87 3.39 -9.77 12.72
C MET B 87 4.02 -8.75 11.77
N VAL B 88 4.01 -9.09 10.48
CA VAL B 88 4.45 -8.17 9.40
C VAL B 88 3.24 -8.13 8.46
N VAL B 89 2.66 -6.95 8.27
CA VAL B 89 1.34 -6.88 7.58
C VAL B 89 1.10 -5.52 6.88
N GLY B 90 0.30 -5.57 5.82
CA GLY B 90 -0.03 -4.41 5.03
C GLY B 90 -1.02 -4.82 3.96
N ALA B 91 -1.48 -3.83 3.18
CA ALA B 91 -2.44 -4.11 2.15
C ALA B 91 -2.33 -3.16 0.96
N ALA B 92 -3.09 -3.54 -0.06
CA ALA B 92 -3.36 -2.76 -1.24
C ALA B 92 -4.90 -2.57 -1.27
N GLY B 93 -5.36 -1.56 -2.01
CA GLY B 93 -6.79 -1.40 -2.28
C GLY B 93 -7.32 0.00 -1.95
N GLY B 94 -6.54 1.03 -2.29
CA GLY B 94 -6.94 2.41 -2.07
C GLY B 94 -7.35 2.68 -0.65
N THR B 95 -8.49 3.36 -0.47
CA THR B 95 -8.91 3.75 0.88
C THR B 95 -9.27 2.53 1.74
N GLN B 96 -9.36 1.36 1.10
CA GLN B 96 -9.62 0.11 1.82
C GLN B 96 -8.38 -0.50 2.49
N ILE B 97 -7.19 0.01 2.14
CA ILE B 97 -5.94 -0.48 2.73
C ILE B 97 -5.97 -0.42 4.26
N THR B 98 -6.41 0.71 4.80
CA THR B 98 -6.31 0.98 6.21
C THR B 98 -7.27 0.14 7.05
N THR B 99 -8.52 0.03 6.57
CA THR B 99 -9.50 -0.87 7.19
C THR B 99 -9.10 -2.35 7.04
N ALA B 100 -8.62 -2.74 5.86
CA ALA B 100 -8.19 -4.12 5.68
C ALA B 100 -7.04 -4.46 6.63
N THR B 101 -6.07 -3.55 6.76
CA THR B 101 -4.95 -3.79 7.63
C THR B 101 -5.38 -3.94 9.09
N ALA B 102 -6.26 -3.04 9.53
CA ALA B 102 -6.85 -3.12 10.86
C ALA B 102 -7.54 -4.47 11.04
N LEU B 103 -8.33 -4.90 10.06
CA LEU B 103 -9.02 -6.19 10.16
C LEU B 103 -8.03 -7.36 10.31
N ALA B 104 -7.03 -7.45 9.42
CA ALA B 104 -6.04 -8.54 9.55
C ALA B 104 -5.47 -8.63 10.97
N ILE B 105 -5.18 -7.46 11.56
CA ILE B 105 -4.59 -7.38 12.89
C ILE B 105 -5.60 -7.85 13.94
N ILE B 106 -6.79 -7.24 13.94
CA ILE B 106 -7.91 -7.69 14.79
C ILE B 106 -8.18 -9.20 14.70
N TYR B 107 -8.30 -9.71 13.47
CA TYR B 107 -8.62 -11.12 13.26
C TYR B 107 -7.59 -12.05 13.93
N ASN B 108 -6.31 -11.71 13.80
CA ASN B 108 -5.25 -12.53 14.34
C ASN B 108 -4.98 -12.25 15.81
N LEU B 109 -4.85 -10.98 16.16
CA LEU B 109 -4.40 -10.66 17.48
C LEU B 109 -5.50 -10.83 18.53
N TRP B 110 -6.75 -10.53 18.17
CA TRP B 110 -7.89 -10.60 19.10
C TRP B 110 -8.82 -11.78 18.89
N PHE B 111 -9.17 -12.09 17.64
CA PHE B 111 -10.11 -13.18 17.43
C PHE B 111 -9.36 -14.51 17.46
N GLY B 112 -8.04 -14.46 17.37
CA GLY B 112 -7.20 -15.65 17.37
C GLY B 112 -7.25 -16.48 16.10
N TYR B 113 -7.49 -15.87 14.94
CA TYR B 113 -7.45 -16.59 13.68
C TYR B 113 -6.00 -16.73 13.26
N ASP B 114 -5.62 -17.88 12.72
CA ASP B 114 -4.24 -18.01 12.20
C ASP B 114 -4.09 -17.06 10.99
N VAL B 115 -2.85 -16.83 10.55
CA VAL B 115 -2.56 -15.85 9.50
C VAL B 115 -3.30 -16.10 8.18
N LYS B 116 -3.38 -17.34 7.75
CA LYS B 116 -4.10 -17.62 6.53
C LYS B 116 -5.57 -17.26 6.69
N ARG B 117 -6.19 -17.70 7.78
CA ARG B 117 -7.57 -17.31 8.03
C ARG B 117 -7.73 -15.80 8.18
N ALA B 118 -6.81 -15.16 8.93
CA ALA B 118 -6.81 -13.72 9.09
C ALA B 118 -6.81 -12.97 7.73
N VAL B 119 -6.15 -13.55 6.73
CA VAL B 119 -6.03 -12.97 5.37
C VAL B 119 -7.24 -13.31 4.52
N GLU B 120 -7.75 -14.52 4.67
CA GLU B 120 -8.84 -14.98 3.81
C GLU B 120 -10.23 -14.55 4.34
N GLU B 121 -10.33 -14.30 5.64
CA GLU B 121 -11.60 -13.96 6.31
C GLU B 121 -12.28 -12.80 5.60
N PRO B 122 -13.60 -12.88 5.42
CA PRO B 122 -14.34 -11.80 4.74
C PRO B 122 -14.15 -10.44 5.41
N ARG B 123 -14.15 -9.37 4.61
CA ARG B 123 -13.88 -8.04 5.16
C ARG B 123 -15.06 -7.09 4.95
N LEU B 124 -15.01 -5.93 5.59
CA LEU B 124 -15.98 -4.90 5.31
C LEU B 124 -15.29 -3.55 5.45
N HIS B 125 -15.96 -2.50 4.99
CA HIS B 125 -15.33 -1.19 4.92
C HIS B 125 -16.36 -0.10 5.03
N ASN B 126 -16.02 0.91 5.82
CA ASN B 126 -16.81 2.14 5.87
C ASN B 126 -15.79 3.27 6.02
N GLN B 127 -15.94 4.31 5.21
CA GLN B 127 -14.97 5.41 5.24
C GLN B 127 -15.66 6.73 5.55
N LEU B 128 -16.85 6.62 6.15
CA LEU B 128 -17.68 7.76 6.54
C LEU B 128 -18.34 8.47 5.37
N LEU B 129 -17.53 8.93 4.43
CA LEU B 129 -18.03 9.52 3.20
C LEU B 129 -17.46 8.72 2.04
N PRO B 130 -18.28 8.04 1.23
CA PRO B 130 -19.74 8.00 1.35
C PRO B 130 -20.25 7.20 2.53
N ASN B 131 -21.56 7.29 2.71
CA ASN B 131 -22.27 6.90 3.89
C ASN B 131 -22.85 5.49 3.77
N VAL B 132 -21.94 4.56 3.51
CA VAL B 132 -22.32 3.20 3.13
CA VAL B 132 -22.36 3.21 3.22
C VAL B 132 -21.33 2.23 3.75
N THR B 133 -21.79 1.06 4.18
CA THR B 133 -20.91 0.01 4.62
C THR B 133 -20.82 -1.07 3.55
N THR B 134 -19.63 -1.26 3.01
CA THR B 134 -19.36 -2.24 1.98
C THR B 134 -18.94 -3.54 2.66
N VAL B 135 -19.60 -4.64 2.30
CA VAL B 135 -19.25 -5.98 2.81
C VAL B 135 -18.84 -6.89 1.65
N GLU B 136 -17.92 -7.81 1.91
CA GLU B 136 -17.64 -8.82 0.90
C GLU B 136 -18.78 -9.86 0.77
N ARG B 137 -18.87 -10.44 -0.42
CA ARG B 137 -19.91 -11.38 -0.81
C ARG B 137 -20.13 -12.52 0.17
N ASN B 138 -19.07 -13.04 0.77
CA ASN B 138 -19.19 -14.19 1.64
C ASN B 138 -19.13 -13.88 3.13
N ILE B 139 -19.40 -12.63 3.50
CA ILE B 139 -19.48 -12.27 4.90
C ILE B 139 -20.57 -13.09 5.61
N ASP B 140 -20.35 -13.41 6.89
CA ASP B 140 -21.39 -14.03 7.72
C ASP B 140 -22.62 -13.11 7.69
N GLN B 141 -23.75 -13.64 7.24
CA GLN B 141 -24.92 -12.80 7.09
C GLN B 141 -25.60 -12.44 8.38
N ALA B 142 -25.18 -13.06 9.49
CA ALA B 142 -25.57 -12.54 10.81
C ALA B 142 -24.91 -11.16 11.05
N VAL B 143 -23.71 -10.98 10.48
CA VAL B 143 -23.08 -9.65 10.50
C VAL B 143 -23.88 -8.62 9.70
N THR B 144 -24.23 -8.96 8.47
CA THR B 144 -25.08 -8.07 7.65
C THR B 144 -26.33 -7.67 8.44
N ALA B 145 -26.96 -8.65 9.08
CA ALA B 145 -28.23 -8.39 9.80
C ALA B 145 -27.97 -7.50 11.00
N ALA B 146 -26.91 -7.81 11.75
CA ALA B 146 -26.56 -7.00 12.92
C ALA B 146 -26.30 -5.52 12.53
N LEU B 147 -25.77 -5.28 11.35
CA LEU B 147 -25.48 -3.94 10.87
C LEU B 147 -26.74 -3.25 10.39
N GLU B 148 -27.51 -3.96 9.59
CA GLU B 148 -28.75 -3.39 9.07
C GLU B 148 -29.79 -3.05 10.14
N THR B 149 -29.91 -3.89 11.17
CA THR B 149 -30.87 -3.58 12.21
C THR B 149 -30.35 -2.44 13.07
N ARG B 150 -29.07 -2.13 12.95
CA ARG B 150 -28.53 -0.94 13.58
C ARG B 150 -28.44 0.25 12.63
N HIS B 151 -29.11 0.13 11.49
CA HIS B 151 -29.33 1.24 10.56
C HIS B 151 -28.19 1.52 9.59
N HIS B 152 -27.21 0.63 9.52
CA HIS B 152 -26.19 0.77 8.49
C HIS B 152 -26.85 0.37 7.21
N HIS B 153 -26.65 1.15 6.15
N HIS B 153 -26.56 1.10 6.15
CA HIS B 153 -26.96 0.64 4.81
CA HIS B 153 -26.91 0.70 4.80
C HIS B 153 -25.73 -0.11 4.35
C HIS B 153 -25.76 -0.08 4.18
N THR B 154 -25.92 -1.39 4.06
CA THR B 154 -24.86 -2.22 3.53
C THR B 154 -24.98 -2.45 2.03
N GLN B 155 -23.85 -2.65 1.38
CA GLN B 155 -23.83 -3.19 0.05
C GLN B 155 -22.64 -4.10 -0.14
N ILE B 156 -22.82 -5.01 -1.09
CA ILE B 156 -21.88 -6.07 -1.35
C ILE B 156 -20.90 -5.57 -2.42
N ALA B 157 -19.61 -5.76 -2.19
CA ALA B 157 -18.58 -5.29 -3.13
C ALA B 157 -18.71 -6.15 -4.35
N SER B 158 -18.65 -5.55 -5.54
CA SER B 158 -18.76 -6.35 -6.77
C SER B 158 -17.59 -7.30 -6.95
N THR B 159 -16.40 -6.92 -6.48
CA THR B 159 -15.27 -7.86 -6.52
C THR B 159 -14.89 -8.34 -5.12
N PHE B 160 -14.01 -7.59 -4.45
CA PHE B 160 -13.48 -7.98 -3.15
C PHE B 160 -12.94 -6.73 -2.49
N ILE B 161 -12.57 -6.83 -1.22
CA ILE B 161 -12.10 -5.68 -0.50
C ILE B 161 -10.63 -5.84 -0.11
N ALA B 162 -9.77 -5.13 -0.81
CA ALA B 162 -8.34 -5.05 -0.50
C ALA B 162 -7.57 -6.36 -0.74
N VAL B 163 -6.27 -6.30 -0.54
CA VAL B 163 -5.39 -7.44 -0.77
C VAL B 163 -4.36 -7.35 0.36
N VAL B 164 -4.31 -8.39 1.20
CA VAL B 164 -3.42 -8.42 2.35
C VAL B 164 -2.31 -9.51 2.26
N GLN B 165 -1.06 -9.14 2.53
CA GLN B 165 0.01 -10.09 2.72
C GLN B 165 0.49 -9.98 4.17
N ALA B 166 0.68 -11.13 4.83
CA ALA B 166 1.08 -11.13 6.23
C ALA B 166 1.97 -12.31 6.63
N ILE B 167 2.83 -12.05 7.61
CA ILE B 167 3.57 -13.07 8.33
C ILE B 167 3.32 -12.87 9.82
N VAL B 168 3.17 -13.99 10.53
CA VAL B 168 2.97 -14.02 11.97
C VAL B 168 3.89 -15.08 12.59
N ARG B 169 4.58 -14.74 13.70
CA ARG B 169 5.39 -15.75 14.40
C ARG B 169 4.50 -16.74 15.16
N THR B 170 4.79 -18.02 15.00
CA THR B 170 4.02 -19.07 15.70
C THR B 170 4.95 -20.06 16.43
N ALA B 171 4.34 -21.09 17.02
CA ALA B 171 5.08 -22.18 17.67
C ALA B 171 5.99 -22.86 16.65
N GLY B 172 5.40 -23.23 15.52
CA GLY B 172 6.16 -23.82 14.41
C GLY B 172 7.07 -22.92 13.59
N GLY B 173 7.24 -21.65 13.98
CA GLY B 173 8.14 -20.72 13.26
C GLY B 173 7.41 -19.50 12.72
N TRP B 174 7.62 -19.19 11.43
CA TRP B 174 6.94 -18.04 10.79
C TRP B 174 5.86 -18.44 9.81
N ALA B 175 4.61 -18.16 10.14
CA ALA B 175 3.50 -18.47 9.24
C ALA B 175 3.18 -17.26 8.33
N ALA B 176 3.07 -17.57 7.04
CA ALA B 176 2.96 -16.57 5.97
C ALA B 176 1.70 -16.80 5.16
N ALA B 177 1.09 -15.71 4.70
CA ALA B 177 -0.12 -15.80 3.88
C ALA B 177 -0.15 -14.75 2.78
N SER B 178 -0.52 -15.15 1.58
CA SER B 178 -0.78 -14.21 0.51
C SER B 178 -2.25 -14.36 0.21
N ASP B 179 -2.85 -13.25 -0.16
CA ASP B 179 -4.28 -13.11 -0.23
C ASP B 179 -4.76 -13.75 -1.52
N SER B 180 -5.70 -14.69 -1.43
CA SER B 180 -6.14 -15.38 -2.64
C SER B 180 -6.96 -14.48 -3.53
N ARG B 181 -7.36 -13.32 -3.03
CA ARG B 181 -8.12 -12.40 -3.86
C ARG B 181 -7.29 -11.96 -5.07
N LYS B 182 -5.97 -11.93 -4.94
CA LYS B 182 -5.08 -11.56 -6.05
C LYS B 182 -4.25 -12.75 -6.55
N GLY B 183 -4.15 -13.83 -5.76
CA GLY B 183 -3.53 -15.06 -6.24
C GLY B 183 -2.04 -15.17 -5.97
N GLY B 184 -1.50 -14.38 -5.04
CA GLY B 184 -0.10 -14.55 -4.66
C GLY B 184 0.09 -15.79 -3.80
N GLU B 185 1.34 -16.15 -3.56
CA GLU B 185 1.64 -17.24 -2.67
C GLU B 185 2.97 -16.94 -1.98
N PRO B 186 3.11 -17.30 -0.69
CA PRO B 186 4.38 -17.10 0.02
C PRO B 186 5.50 -18.08 -0.41
N ALA B 187 6.71 -17.84 0.06
CA ALA B 187 7.81 -18.78 -0.08
C ALA B 187 8.75 -18.55 1.12
N GLY B 188 9.42 -19.60 1.56
CA GLY B 188 10.37 -19.51 2.67
C GLY B 188 11.25 -20.76 2.77
N TYR B 189 12.05 -20.83 3.83
CA TYR B 189 12.79 -22.05 4.19
C TYR B 189 12.86 -22.19 5.72
C1 NAG C . 21.05 -4.57 12.42
C2 NAG C . 21.45 -4.72 10.95
C3 NAG C . 22.87 -5.28 10.78
C4 NAG C . 23.86 -4.72 11.80
C5 NAG C . 23.24 -4.77 13.20
C6 NAG C . 24.20 -4.31 14.30
C7 NAG C . 19.84 -5.17 9.20
C8 NAG C . 18.85 -6.15 8.62
N2 NAG C . 20.47 -5.57 10.30
O3 NAG C . 23.31 -4.95 9.48
O4 NAG C . 25.09 -5.42 11.76
O5 NAG C . 22.07 -3.97 13.19
O6 NAG C . 24.36 -2.91 14.24
O7 NAG C . 20.04 -4.09 8.67
C1 NAG D . -7.56 24.28 -15.19
C2 NAG D . -6.34 24.22 -16.13
C3 NAG D . -5.21 25.14 -15.61
C4 NAG D . -5.71 26.55 -15.21
C5 NAG D . -6.90 26.41 -14.23
C6 NAG D . -7.50 27.75 -13.85
C7 NAG D . -6.20 21.87 -17.02
C8 NAG D . -5.39 20.58 -16.97
N2 NAG D . -5.77 22.87 -16.25
O3 NAG D . -4.18 25.21 -16.55
O4 NAG D . -4.65 27.26 -14.61
O5 NAG D . -7.93 25.59 -14.79
O6 NAG D . -8.20 28.27 -14.97
O7 NAG D . -7.18 21.95 -17.75
C1 NAG E . -7.50 17.22 19.99
C2 NAG E . -7.92 18.53 19.31
C3 NAG E . -8.69 19.45 20.26
C4 NAG E . -9.71 18.74 21.13
C5 NAG E . -9.09 17.51 21.79
C6 NAG E . -10.09 16.69 22.59
C7 NAG E . -6.41 19.40 17.62
C8 NAG E . -5.15 20.17 17.35
N2 NAG E . -6.73 19.23 18.91
O3 NAG E . -9.33 20.42 19.48
O4 NAG E . -10.14 19.62 22.14
O5 NAG E . -8.57 16.68 20.77
O6 NAG E . -9.37 15.71 23.29
O7 NAG E . -7.09 18.96 16.70
C1 NAG F . 6.75 5.68 20.23
C2 NAG F . 8.14 5.34 20.75
C3 NAG F . 8.64 6.36 21.78
C4 NAG F . 8.43 7.82 21.33
C5 NAG F . 7.71 7.95 19.97
C6 NAG F . 8.69 7.85 18.79
C7 NAG F . 8.97 3.05 20.70
C8 NAG F . 8.88 1.67 21.26
N2 NAG F . 8.14 3.96 21.23
O3 NAG F . 10.02 6.16 22.02
O4 NAG F . 7.73 8.55 22.32
O5 NAG F . 6.62 7.05 19.83
O6 NAG F . 9.32 9.09 18.61
O7 NAG F . 9.78 3.32 19.80
C1 NAG G . 23.46 15.50 -13.23
C2 NAG G . 22.69 16.09 -14.41
C3 NAG G . 23.33 17.42 -14.73
C4 NAG G . 23.02 18.29 -13.51
C5 NAG G . 23.74 17.77 -12.26
C6 NAG G . 23.18 18.46 -11.03
C7 NAG G . 21.57 14.62 -16.04
C8 NAG G . 21.79 13.68 -17.19
N2 NAG G . 22.69 15.17 -15.54
O3 NAG G . 22.74 17.93 -15.89
O4 NAG G . 23.48 19.57 -13.75
O5 NAG G . 23.62 16.37 -12.09
O6 NAG G . 22.93 17.50 -10.02
O7 NAG G . 20.41 14.82 -15.60
O1 MES H . -11.86 -3.42 -8.66
C2 MES H . -12.03 -2.34 -7.71
C3 MES H . -11.08 -1.19 -8.06
N4 MES H . -11.29 -0.72 -9.45
C5 MES H . -12.35 -1.49 -10.16
C6 MES H . -12.25 -3.03 -10.01
C7 MES H . -10.00 -0.63 -10.17
C8 MES H . -9.95 0.31 -11.40
S MES H . -8.71 1.69 -11.19
O1S MES H . -7.61 1.33 -10.20
O2S MES H . -8.15 2.10 -12.54
O3S MES H . -9.49 2.88 -10.64
O1 MES I . 6.21 -8.09 -28.92
C2 MES I . 5.19 -9.02 -28.44
C3 MES I . 3.86 -8.29 -28.35
N4 MES I . 3.55 -7.61 -29.62
C5 MES I . 4.62 -6.69 -30.08
C6 MES I . 5.93 -7.44 -30.20
C7 MES I . 2.22 -6.98 -29.61
C8 MES I . 1.48 -7.32 -30.90
S MES I . -0.27 -6.75 -30.82
O1S MES I . -1.03 -7.60 -29.82
O2S MES I . -0.93 -6.92 -32.19
O3S MES I . -0.32 -5.29 -30.38
CL CL J . 8.93 -3.47 -21.61
NA NA K . -0.70 -19.34 3.67
C1 NAG L . -26.09 8.19 6.66
C2 NAG L . -27.37 9.08 6.62
C3 NAG L . -27.98 9.18 8.02
C4 NAG L . -28.13 7.78 8.65
C5 NAG L . -26.84 6.95 8.50
C6 NAG L . -26.99 5.50 8.93
C7 NAG L . -26.15 11.25 6.51
C8 NAG L . -25.99 12.55 5.77
N2 NAG L . -27.08 10.40 6.05
O3 NAG L . -29.19 9.88 7.97
O4 NAG L . -28.47 7.93 10.01
O5 NAG L . -26.39 6.92 7.16
O6 NAG L . -28.35 5.13 8.95
O7 NAG L . -25.45 11.04 7.50
OAG 4M8 M . -4.20 0.46 -3.29
P 4M8 M . -3.39 1.13 -4.47
OAI 4M8 M . -3.88 0.49 -5.86
CAJ 4M8 M . -5.14 0.88 -6.43
CG 4M8 M . -3.70 2.91 -4.46
CB 4M8 M . -2.90 3.51 -3.33
CA 4M8 M . -3.14 5.01 -3.25
N 4M8 M . -2.48 5.67 -4.39
C 4M8 M . -2.49 5.49 -2.00
O 4M8 M . -1.28 5.86 -2.04
OXT 4M8 M . -3.19 5.50 -0.97
CL CL N . -0.74 -6.56 -2.49
#